data_7CCT
#
_entry.id   7CCT
#
_cell.length_a   148.839
_cell.length_b   148.839
_cell.length_c   105.340
_cell.angle_alpha   90.00
_cell.angle_beta   90.00
_cell.angle_gamma   120.00
#
_symmetry.space_group_name_H-M   'H 3 2'
#
loop_
_entity.id
_entity.type
_entity.pdbx_description
1 polymer 'Type III polyketide synthase'
2 non-polymer N-Methylanthraniloyl-CoA
3 non-polymer 'CADMIUM ION'
4 water water
#
_entity_poly.entity_id   1
_entity_poly.type   'polypeptide(L)'
_entity_poly.pdbx_seq_one_letter_code
;MVTMEEIRKAQRAEGLATILAISTATPPNCVIQADYPDYYFKITNSEHMTELKEKFRRLCEKSMIRKRHMCLTEEILKAN
PNMCLHMGTSLNARQDISLVEVPKLGKEAATKAIKEWGQPKSKITHLIFCTSAGVDMPGADYQLTRLLGLSPEVKRMMIY
QQGCYAGATVLRLAKDLTENNKGSRVLIVCSENTVPTFRGPSDTHIDSLVGQALFADGAAALIVGADPDASIERPLYHIV
SASQTLLPDSDGAIEGHIREAGLTVHLKKDVPAFFSANIEKSLVDAFTPIGISDWNSIFWIAHPGGPAILDQVEEKLGLR
KDKLKASRHVMSEFGNMSSACVLFILDEMRKTCLEEGKATTGEGLDWGVLFGFGPGLTVETVVLRSVPIEA
;
_entity_poly.pdbx_strand_id   A
#
loop_
_chem_comp.id
_chem_comp.type
_chem_comp.name
_chem_comp.formula
CD non-polymer 'CADMIUM ION' 'Cd 2'
FWC non-polymer N-Methylanthraniloyl-CoA 'C29 H43 N8 O17 P3 S'
#
# COMPACT_ATOMS: atom_id res chain seq x y z
N GLY A 15 20.09 18.66 4.53
CA GLY A 15 19.64 17.39 5.07
C GLY A 15 18.23 17.04 4.59
N LEU A 16 18.12 15.94 3.86
CA LEU A 16 16.87 15.51 3.26
C LEU A 16 16.02 14.71 4.26
N ALA A 17 14.70 14.70 4.01
CA ALA A 17 13.78 13.78 4.67
C ALA A 17 14.32 12.36 4.62
N THR A 18 14.66 11.82 5.78
CA THR A 18 15.30 10.51 5.87
C THR A 18 14.37 9.54 6.59
N ILE A 19 14.22 8.34 6.04
CA ILE A 19 13.38 7.33 6.66
C ILE A 19 14.22 6.59 7.71
N LEU A 20 13.79 6.68 8.98
CA LEU A 20 14.56 6.21 10.13
C LEU A 20 14.14 4.83 10.62
N ALA A 21 12.96 4.36 10.25
CA ALA A 21 12.40 3.16 10.86
C ALA A 21 11.15 2.77 10.09
N ILE A 22 10.92 1.46 10.00
CA ILE A 22 9.76 0.91 9.30
C ILE A 22 9.29 -0.31 10.09
N SER A 23 8.03 -0.64 9.94
CA SER A 23 7.46 -1.77 10.66
C SER A 23 6.09 -2.03 10.06
N THR A 24 5.63 -3.27 10.19
CA THR A 24 4.41 -3.70 9.51
C THR A 24 3.61 -4.57 10.46
N ALA A 25 2.31 -4.73 10.15
CA ALA A 25 1.40 -5.52 10.94
C ALA A 25 0.25 -5.98 10.04
N THR A 26 -0.27 -7.16 10.32
CA THR A 26 -1.34 -7.76 9.53
C THR A 26 -2.30 -8.49 10.45
N PRO A 27 -3.56 -8.67 10.03
CA PRO A 27 -4.50 -9.44 10.84
C PRO A 27 -4.05 -10.89 10.96
N PRO A 28 -4.49 -11.58 12.01
CA PRO A 28 -4.04 -12.98 12.20
C PRO A 28 -4.50 -13.92 11.10
N ASN A 29 -5.76 -13.80 10.67
CA ASN A 29 -6.34 -14.75 9.72
C ASN A 29 -5.60 -14.79 8.39
N CYS A 30 -4.87 -15.87 8.13
N CYS A 30 -4.80 -15.84 8.16
CA CYS A 30 -4.18 -16.07 6.87
CA CYS A 30 -4.18 -16.08 6.86
C CYS A 30 -5.11 -16.78 5.87
C CYS A 30 -5.20 -16.69 5.90
N VAL A 31 -5.15 -16.26 4.64
CA VAL A 31 -6.04 -16.77 3.59
C VAL A 31 -5.20 -17.28 2.41
N ILE A 32 -5.21 -18.59 2.21
CA ILE A 32 -4.40 -19.23 1.16
C ILE A 32 -5.09 -19.03 -0.19
N GLN A 33 -4.37 -18.42 -1.13
CA GLN A 33 -5.00 -18.13 -2.42
C GLN A 33 -5.42 -19.41 -3.14
N ALA A 34 -4.71 -20.51 -2.90
CA ALA A 34 -5.08 -21.77 -3.55
C ALA A 34 -6.47 -22.22 -3.11
N ASP A 35 -6.85 -21.94 -1.86
CA ASP A 35 -8.15 -22.34 -1.35
C ASP A 35 -9.21 -21.26 -1.50
N TYR A 36 -8.87 -20.09 -2.04
CA TYR A 36 -9.83 -18.99 -1.99
C TYR A 36 -10.99 -19.11 -2.98
N PRO A 37 -10.78 -19.48 -4.26
CA PRO A 37 -11.93 -19.58 -5.18
C PRO A 37 -13.05 -20.52 -4.73
N ASP A 38 -12.74 -21.61 -4.01
CA ASP A 38 -13.81 -22.44 -3.48
C ASP A 38 -14.50 -21.75 -2.31
N TYR A 39 -13.71 -21.30 -1.34
CA TYR A 39 -14.28 -20.69 -0.13
C TYR A 39 -15.09 -19.45 -0.49
N TYR A 40 -14.60 -18.63 -1.42
CA TYR A 40 -15.33 -17.42 -1.80
C TYR A 40 -16.70 -17.76 -2.37
N PHE A 41 -16.75 -18.67 -3.35
CA PHE A 41 -18.04 -19.06 -3.94
C PHE A 41 -18.87 -19.94 -3.02
N LYS A 42 -18.27 -20.53 -1.99
CA LYS A 42 -19.06 -21.19 -0.96
C LYS A 42 -19.79 -20.16 -0.11
N ILE A 43 -19.05 -19.20 0.43
CA ILE A 43 -19.59 -18.28 1.43
C ILE A 43 -20.47 -17.21 0.80
N THR A 44 -20.28 -16.93 -0.48
CA THR A 44 -21.18 -16.07 -1.21
C THR A 44 -22.32 -16.83 -1.86
N ASN A 45 -22.47 -18.12 -1.52
CA ASN A 45 -23.55 -18.99 -2.01
C ASN A 45 -23.75 -18.87 -3.52
N SER A 46 -22.66 -19.04 -4.26
CA SER A 46 -22.67 -18.80 -5.70
C SER A 46 -22.13 -19.97 -6.51
N GLU A 47 -21.91 -21.13 -5.90
CA GLU A 47 -21.15 -22.23 -6.50
C GLU A 47 -21.77 -22.77 -7.79
N HIS A 48 -22.92 -22.21 -8.19
CA HIS A 48 -23.59 -22.56 -9.44
C HIS A 48 -23.24 -21.62 -10.59
N MET A 49 -22.47 -20.56 -10.34
CA MET A 49 -21.89 -19.77 -11.44
C MET A 49 -20.55 -20.38 -11.82
N THR A 50 -20.63 -21.64 -12.27
CA THR A 50 -19.45 -22.47 -12.49
C THR A 50 -18.50 -21.84 -13.51
N GLU A 51 -19.06 -21.19 -14.53
CA GLU A 51 -18.20 -20.47 -15.47
C GLU A 51 -17.52 -19.30 -14.77
N LEU A 52 -18.28 -18.52 -13.99
CA LEU A 52 -17.71 -17.40 -13.23
C LEU A 52 -16.74 -17.90 -12.15
N LYS A 53 -17.06 -19.02 -11.50
CA LYS A 53 -16.14 -19.59 -10.51
C LYS A 53 -14.79 -19.95 -11.15
N GLU A 54 -14.79 -20.49 -12.38
CA GLU A 54 -13.55 -20.82 -13.09
C GLU A 54 -12.84 -19.57 -13.59
N LYS A 55 -13.60 -18.59 -14.07
CA LYS A 55 -13.04 -17.28 -14.35
C LYS A 55 -12.24 -16.78 -13.15
N PHE A 56 -12.88 -16.72 -11.97
CA PHE A 56 -12.24 -16.26 -10.73
C PHE A 56 -11.08 -17.17 -10.32
N ARG A 57 -11.17 -18.48 -10.60
CA ARG A 57 -10.06 -19.38 -10.35
C ARG A 57 -8.85 -19.03 -11.20
N ARG A 58 -9.08 -18.60 -12.44
CA ARG A 58 -7.97 -18.18 -13.28
C ARG A 58 -7.36 -16.88 -12.77
N LEU A 59 -8.21 -15.92 -12.41
CA LEU A 59 -7.73 -14.67 -11.82
C LEU A 59 -6.83 -14.94 -10.62
N CYS A 60 -7.30 -15.80 -9.70
CA CYS A 60 -6.55 -16.05 -8.48
C CYS A 60 -5.21 -16.75 -8.76
N GLU A 61 -5.18 -17.64 -9.76
CA GLU A 61 -3.95 -18.36 -10.05
C GLU A 61 -2.90 -17.44 -10.66
N LYS A 62 -3.33 -16.57 -11.59
CA LYS A 62 -2.48 -15.59 -12.24
C LYS A 62 -2.25 -14.33 -11.40
N SER A 63 -2.85 -14.26 -10.20
CA SER A 63 -2.63 -13.08 -9.35
C SER A 63 -1.21 -13.01 -8.82
N MET A 64 -0.51 -14.15 -8.80
CA MET A 64 0.81 -14.27 -8.19
C MET A 64 0.78 -13.80 -6.74
N ILE A 65 -0.25 -14.25 -6.03
CA ILE A 65 -0.44 -13.98 -4.61
C ILE A 65 -0.60 -15.32 -3.93
N ARG A 66 0.35 -15.69 -3.08
CA ARG A 66 0.26 -16.96 -2.38
C ARG A 66 -0.79 -16.91 -1.29
N LYS A 67 -0.69 -15.93 -0.40
CA LYS A 67 -1.64 -15.76 0.71
C LYS A 67 -2.00 -14.28 0.86
N ARG A 68 -3.11 -14.05 1.57
CA ARG A 68 -3.53 -12.72 1.97
C ARG A 68 -3.99 -12.77 3.42
N HIS A 69 -3.84 -11.66 4.11
CA HIS A 69 -4.34 -11.49 5.46
C HIS A 69 -5.62 -10.68 5.42
N MET A 70 -6.62 -11.14 6.18
CA MET A 70 -7.92 -10.45 6.22
C MET A 70 -8.51 -10.55 7.62
N CYS A 71 -8.74 -9.39 8.26
CA CYS A 71 -9.47 -9.39 9.52
C CYS A 71 -10.90 -9.88 9.31
N LEU A 72 -11.45 -9.65 8.13
CA LEU A 72 -12.72 -10.20 7.73
C LEU A 72 -12.59 -11.72 7.63
N THR A 73 -13.26 -12.45 8.51
CA THR A 73 -13.19 -13.91 8.57
C THR A 73 -14.54 -14.50 8.16
N GLU A 74 -14.59 -15.84 8.10
CA GLU A 74 -15.84 -16.50 7.77
C GLU A 74 -16.92 -16.19 8.82
N GLU A 75 -16.49 -16.09 10.07
CA GLU A 75 -17.40 -15.84 11.19
C GLU A 75 -18.06 -14.47 11.07
N ILE A 76 -17.26 -13.45 10.79
CA ILE A 76 -17.80 -12.12 10.57
C ILE A 76 -18.70 -12.09 9.33
N LEU A 77 -18.31 -12.82 8.28
CA LEU A 77 -19.12 -12.81 7.06
C LEU A 77 -20.44 -13.55 7.24
N LYS A 78 -20.43 -14.67 8.00
CA LYS A 78 -21.70 -15.34 8.29
C LYS A 78 -22.64 -14.43 9.07
N ALA A 79 -22.10 -13.59 9.97
CA ALA A 79 -22.94 -12.68 10.74
C ALA A 79 -23.49 -11.51 9.91
N ASN A 80 -22.87 -11.18 8.78
CA ASN A 80 -23.28 -10.04 7.96
C ASN A 80 -23.58 -10.54 6.56
N PRO A 81 -24.72 -11.20 6.36
CA PRO A 81 -25.00 -11.78 5.04
C PRO A 81 -24.96 -10.77 3.92
N ASN A 82 -25.37 -9.52 4.18
CA ASN A 82 -25.44 -8.52 3.10
C ASN A 82 -24.07 -8.10 2.60
N MET A 83 -22.99 -8.31 3.37
CA MET A 83 -21.67 -8.12 2.78
C MET A 83 -21.26 -9.30 1.90
N CYS A 84 -22.08 -10.35 1.82
CA CYS A 84 -21.85 -11.48 0.93
C CYS A 84 -22.60 -11.40 -0.40
N LEU A 85 -23.73 -10.69 -0.44
CA LEU A 85 -24.34 -10.28 -1.69
C LEU A 85 -23.40 -9.37 -2.48
N HIS A 86 -23.73 -9.17 -3.76
CA HIS A 86 -22.95 -8.25 -4.57
C HIS A 86 -23.20 -6.80 -4.15
N MET A 87 -24.46 -6.38 -4.16
CA MET A 87 -24.85 -5.05 -3.71
C MET A 87 -25.81 -5.18 -2.52
N GLY A 88 -25.28 -5.65 -1.39
CA GLY A 88 -26.05 -5.70 -0.17
C GLY A 88 -25.92 -4.41 0.61
N THR A 89 -27.05 -3.87 1.07
CA THR A 89 -27.01 -2.69 1.93
C THR A 89 -26.19 -3.04 3.16
N SER A 90 -24.99 -2.47 3.28
CA SER A 90 -24.03 -3.01 4.23
C SER A 90 -23.00 -2.00 4.69
N LEU A 91 -23.13 -0.71 4.33
CA LEU A 91 -22.15 0.28 4.72
C LEU A 91 -21.99 0.38 6.23
N ASN A 92 -23.10 0.34 6.97
CA ASN A 92 -22.99 0.53 8.41
C ASN A 92 -22.22 -0.62 9.04
N ALA A 93 -22.57 -1.85 8.65
CA ALA A 93 -21.93 -3.02 9.23
C ALA A 93 -20.44 -2.99 8.97
N ARG A 94 -20.05 -2.59 7.75
CA ARG A 94 -18.65 -2.46 7.39
C ARG A 94 -17.98 -1.34 8.17
N GLN A 95 -18.62 -0.17 8.21
CA GLN A 95 -18.11 0.94 9.00
C GLN A 95 -17.87 0.53 10.44
N ASP A 96 -18.78 -0.28 11.00
CA ASP A 96 -18.69 -0.69 12.39
C ASP A 96 -17.47 -1.54 12.64
N ILE A 97 -17.18 -2.47 11.73
CA ILE A 97 -15.94 -3.22 11.80
C ILE A 97 -14.75 -2.31 11.52
N SER A 98 -14.78 -1.64 10.38
CA SER A 98 -13.53 -1.15 9.79
C SER A 98 -12.94 0.00 10.60
N LEU A 99 -13.79 0.90 11.14
CA LEU A 99 -13.28 2.10 11.80
C LEU A 99 -12.58 1.77 13.12
N VAL A 100 -12.95 0.66 13.77
CA VAL A 100 -12.15 0.13 14.87
C VAL A 100 -10.86 -0.47 14.34
N GLU A 101 -10.97 -1.31 13.31
CA GLU A 101 -9.84 -2.11 12.85
C GLU A 101 -8.72 -1.26 12.25
N VAL A 102 -9.06 -0.21 11.50
CA VAL A 102 -8.04 0.66 10.89
C VAL A 102 -7.03 1.22 11.90
N PRO A 103 -7.44 2.00 12.91
CA PRO A 103 -6.44 2.54 13.85
C PRO A 103 -5.83 1.48 14.73
N LYS A 104 -6.61 0.45 15.09
N LYS A 104 -6.59 0.44 15.08
CA LYS A 104 -6.09 -0.67 15.88
CA LYS A 104 -6.07 -0.66 15.88
C LYS A 104 -4.87 -1.30 15.21
C LYS A 104 -4.86 -1.32 15.21
N LEU A 105 -5.06 -1.82 13.98
CA LEU A 105 -3.95 -2.46 13.27
C LEU A 105 -2.87 -1.46 12.89
N GLY A 106 -3.22 -0.18 12.72
CA GLY A 106 -2.20 0.84 12.60
C GLY A 106 -1.38 1.03 13.88
N LYS A 107 -1.98 0.77 15.05
CA LYS A 107 -1.24 0.98 16.30
C LYS A 107 -0.23 -0.13 16.53
N GLU A 108 -0.62 -1.38 16.24
CA GLU A 108 0.34 -2.49 16.25
C GLU A 108 1.60 -2.15 15.46
N ALA A 109 1.41 -1.65 14.23
CA ALA A 109 2.58 -1.34 13.41
C ALA A 109 3.34 -0.15 13.98
N ALA A 110 2.62 0.91 14.35
CA ALA A 110 3.25 2.11 14.90
C ALA A 110 4.06 1.78 16.15
N THR A 111 3.46 1.00 17.07
CA THR A 111 4.16 0.60 18.29
C THR A 111 5.56 0.11 17.97
N LYS A 112 5.65 -0.84 17.03
CA LYS A 112 6.92 -1.47 16.71
C LYS A 112 7.87 -0.51 16.01
N ALA A 113 7.33 0.37 15.16
CA ALA A 113 8.20 1.29 14.46
C ALA A 113 8.87 2.27 15.43
N ILE A 114 8.11 2.83 16.38
CA ILE A 114 8.73 3.63 17.44
C ILE A 114 9.78 2.82 18.20
N LYS A 115 9.42 1.60 18.60
CA LYS A 115 10.34 0.74 19.34
C LYS A 115 11.67 0.56 18.59
N GLU A 116 11.61 0.42 17.26
CA GLU A 116 12.83 0.31 16.45
C GLU A 116 13.56 1.64 16.34
N TRP A 117 12.82 2.75 16.31
CA TRP A 117 13.45 4.07 16.16
C TRP A 117 14.26 4.44 17.39
N GLY A 118 13.85 3.99 18.56
CA GLY A 118 14.63 4.20 19.77
C GLY A 118 14.58 5.60 20.36
N GLN A 119 13.41 6.23 20.34
CA GLN A 119 13.22 7.54 20.93
C GLN A 119 11.86 7.57 21.59
N PRO A 120 11.65 8.45 22.56
CA PRO A 120 10.33 8.53 23.20
C PRO A 120 9.29 9.08 22.22
N LYS A 121 8.07 8.58 22.38
CA LYS A 121 6.98 8.96 21.47
C LYS A 121 6.68 10.46 21.49
N SER A 122 7.11 11.16 22.53
CA SER A 122 6.92 12.59 22.67
C SER A 122 7.84 13.40 21.74
N LYS A 123 8.78 12.75 21.06
CA LYS A 123 9.58 13.43 20.05
C LYS A 123 8.94 13.40 18.67
N ILE A 124 7.79 12.74 18.54
CA ILE A 124 7.03 12.69 17.29
C ILE A 124 6.23 13.98 17.20
N THR A 125 6.64 14.89 16.32
CA THR A 125 5.97 16.18 16.16
C THR A 125 4.79 16.13 15.21
N HIS A 126 4.85 15.28 14.19
CA HIS A 126 3.80 15.19 13.18
C HIS A 126 3.30 13.76 13.08
N LEU A 127 2.06 13.61 12.61
CA LEU A 127 1.48 12.29 12.34
C LEU A 127 0.72 12.40 11.03
N ILE A 128 1.07 11.53 10.09
CA ILE A 128 0.34 11.32 8.84
C ILE A 128 -0.35 9.97 8.94
N PHE A 129 -1.68 9.96 8.93
CA PHE A 129 -2.43 8.72 8.86
C PHE A 129 -3.09 8.59 7.49
N CYS A 130 -3.14 7.37 6.97
CA CYS A 130 -3.66 7.18 5.61
C CYS A 130 -4.46 5.88 5.57
N THR A 131 -5.70 5.96 5.08
CA THR A 131 -6.48 4.75 4.86
C THR A 131 -7.54 5.00 3.80
N SER A 132 -7.93 3.91 3.13
CA SER A 132 -9.10 3.88 2.25
C SER A 132 -10.17 2.93 2.77
N ALA A 133 -9.98 2.34 3.95
CA ALA A 133 -10.94 1.40 4.50
C ALA A 133 -12.09 2.05 5.28
N GLY A 134 -12.30 3.37 5.17
CA GLY A 134 -13.46 3.98 5.80
C GLY A 134 -13.16 5.26 6.51
N VAL A 135 -14.04 6.24 6.36
CA VAL A 135 -13.82 7.56 6.94
C VAL A 135 -14.77 7.79 8.10
N ASP A 136 -14.40 8.75 8.94
CA ASP A 136 -15.09 9.00 10.20
C ASP A 136 -14.70 10.38 10.71
N MET A 137 -15.41 10.83 11.76
CA MET A 137 -15.16 12.16 12.31
C MET A 137 -15.25 12.12 13.83
N PRO A 138 -14.18 12.39 14.61
CA PRO A 138 -12.84 12.56 14.08
C PRO A 138 -12.31 11.29 13.43
N GLY A 139 -11.19 11.40 12.72
CA GLY A 139 -10.72 10.25 11.94
C GLY A 139 -9.75 9.34 12.67
N ALA A 140 -9.11 8.47 11.91
CA ALA A 140 -8.17 7.50 12.50
C ALA A 140 -6.89 8.20 12.93
N ASP A 141 -6.69 9.45 12.53
CA ASP A 141 -5.54 10.22 13.05
C ASP A 141 -5.76 10.40 14.55
N TYR A 142 -6.96 10.83 14.92
CA TYR A 142 -7.30 11.02 16.34
C TYR A 142 -7.29 9.66 17.01
N GLN A 143 -8.02 8.69 16.45
CA GLN A 143 -8.03 7.40 17.16
C GLN A 143 -6.62 6.91 17.46
N LEU A 144 -5.69 7.04 16.50
CA LEU A 144 -4.35 6.51 16.72
C LEU A 144 -3.53 7.36 17.68
N THR A 145 -3.72 8.68 17.64
CA THR A 145 -3.04 9.56 18.59
C THR A 145 -3.46 9.27 20.03
N ARG A 146 -4.75 9.02 20.26
CA ARG A 146 -5.20 8.64 21.59
C ARG A 146 -4.65 7.27 22.00
N LEU A 147 -4.55 6.33 21.04
CA LEU A 147 -4.09 4.97 21.34
C LEU A 147 -2.60 4.93 21.69
N LEU A 148 -1.77 5.63 20.91
CA LEU A 148 -0.33 5.60 21.16
C LEU A 148 0.05 6.50 22.32
N GLY A 149 -0.79 7.49 22.64
CA GLY A 149 -0.47 8.50 23.61
C GLY A 149 0.56 9.49 23.10
N LEU A 150 0.32 10.06 21.91
CA LEU A 150 1.21 11.10 21.43
C LEU A 150 0.84 12.44 22.04
N SER A 151 1.82 13.39 22.03
CA SER A 151 1.58 14.78 22.43
C SER A 151 0.25 15.22 21.86
N PRO A 152 -0.57 15.96 22.63
CA PRO A 152 -1.80 16.48 22.06
C PRO A 152 -1.54 17.53 21.01
N GLU A 153 -0.32 18.06 20.94
CA GLU A 153 0.04 19.06 19.95
C GLU A 153 0.61 18.48 18.66
N VAL A 154 0.61 17.15 18.48
CA VAL A 154 1.10 16.58 17.22
C VAL A 154 0.30 17.15 16.07
N LYS A 155 1.01 17.58 15.03
CA LYS A 155 0.38 18.13 13.83
C LYS A 155 0.02 16.97 12.92
N ARG A 156 -1.27 16.76 12.72
CA ARG A 156 -1.81 15.60 12.01
C ARG A 156 -2.28 15.95 10.60
N MET A 157 -2.03 15.04 9.67
CA MET A 157 -2.56 15.08 8.32
C MET A 157 -3.28 13.76 8.07
N MET A 158 -4.58 13.83 7.75
CA MET A 158 -5.44 12.67 7.60
C MET A 158 -5.74 12.45 6.12
N ILE A 159 -5.07 11.47 5.50
CA ILE A 159 -5.21 11.23 4.08
C ILE A 159 -6.27 10.12 3.89
N TYR A 160 -7.47 10.53 3.49
CA TYR A 160 -8.57 9.60 3.32
C TYR A 160 -8.82 9.28 1.86
N GLN A 161 -8.99 7.99 1.58
CA GLN A 161 -9.61 7.53 0.34
C GLN A 161 -8.78 7.85 -0.89
N GLN A 162 -7.46 7.96 -0.74
CA GLN A 162 -6.60 8.21 -1.88
C GLN A 162 -6.10 6.92 -2.53
N GLY A 163 -6.60 5.76 -2.09
CA GLY A 163 -6.37 4.55 -2.88
C GLY A 163 -4.93 4.10 -2.87
N CYS A 164 -4.51 3.57 -4.03
CA CYS A 164 -3.31 2.75 -4.12
C CYS A 164 -2.02 3.52 -4.36
N TYR A 165 -2.08 4.74 -4.89
CA TYR A 165 -0.87 5.55 -4.99
C TYR A 165 -0.48 6.20 -3.67
N ALA A 166 -1.36 6.15 -2.66
CA ALA A 166 -1.21 6.92 -1.42
C ALA A 166 -0.04 6.44 -0.57
N GLY A 167 0.54 5.29 -0.88
CA GLY A 167 1.77 4.88 -0.24
C GLY A 167 2.91 5.82 -0.55
N ALA A 168 2.94 6.40 -1.76
CA ALA A 168 3.94 7.41 -2.09
C ALA A 168 3.49 8.82 -1.73
N THR A 169 2.19 9.08 -1.82
CA THR A 169 1.66 10.33 -1.28
C THR A 169 2.22 10.62 0.11
N VAL A 170 2.22 9.61 0.99
CA VAL A 170 2.58 9.82 2.39
C VAL A 170 4.05 10.13 2.57
N LEU A 171 4.91 9.74 1.64
CA LEU A 171 6.30 10.19 1.68
C LEU A 171 6.48 11.53 0.99
N ARG A 172 5.67 11.82 -0.02
CA ARG A 172 5.66 13.14 -0.61
C ARG A 172 5.17 14.15 0.40
N LEU A 173 4.13 13.80 1.16
CA LEU A 173 3.68 14.67 2.25
C LEU A 173 4.78 14.84 3.29
N ALA A 174 5.32 13.72 3.79
CA ALA A 174 6.25 13.76 4.90
C ALA A 174 7.53 14.53 4.56
N LYS A 175 8.01 14.43 3.31
CA LYS A 175 9.21 15.15 2.91
C LYS A 175 9.08 16.65 3.14
N ASP A 176 7.93 17.23 2.79
CA ASP A 176 7.75 18.66 2.96
C ASP A 176 7.54 19.03 4.43
N LEU A 177 6.67 18.28 5.11
CA LEU A 177 6.47 18.44 6.54
C LEU A 177 7.79 18.48 7.29
N THR A 178 8.69 17.54 6.99
CA THR A 178 9.85 17.35 7.85
C THR A 178 11.00 18.25 7.48
N GLU A 179 11.04 18.73 6.23
CA GLU A 179 12.14 19.54 5.76
C GLU A 179 11.92 21.01 6.04
N ASN A 180 10.67 21.42 6.19
CA ASN A 180 10.34 22.80 6.50
C ASN A 180 10.12 23.02 7.99
N ASN A 181 10.42 22.01 8.83
CA ASN A 181 10.19 22.06 10.28
C ASN A 181 11.38 21.40 10.97
N LYS A 182 12.47 22.16 11.11
CA LYS A 182 13.69 21.73 11.82
C LYS A 182 13.35 20.95 13.08
N GLY A 183 14.07 19.84 13.28
CA GLY A 183 13.96 18.96 14.43
C GLY A 183 12.74 18.06 14.45
N SER A 184 11.92 18.08 13.40
CA SER A 184 10.65 17.35 13.43
C SER A 184 10.86 15.87 13.14
N ARG A 185 9.86 15.09 13.50
CA ARG A 185 9.89 13.63 13.33
C ARG A 185 8.47 13.19 13.02
N VAL A 186 8.26 12.59 11.85
CA VAL A 186 6.92 12.28 11.39
C VAL A 186 6.66 10.79 11.54
N LEU A 187 5.57 10.44 12.21
CA LEU A 187 5.05 9.08 12.21
C LEU A 187 4.05 8.94 11.06
N ILE A 188 4.36 8.10 10.07
CA ILE A 188 3.41 7.78 9.01
C ILE A 188 2.73 6.47 9.34
N VAL A 189 1.41 6.39 9.20
CA VAL A 189 0.73 5.11 9.35
C VAL A 189 -0.23 4.92 8.21
N CYS A 190 0.02 3.91 7.38
CA CYS A 190 -0.93 3.42 6.39
C CYS A 190 -1.60 2.17 6.92
N SER A 191 -2.93 2.13 6.85
CA SER A 191 -3.64 0.96 7.35
C SER A 191 -4.83 0.68 6.43
N GLU A 192 -4.92 -0.56 5.96
CA GLU A 192 -5.85 -0.92 4.90
C GLU A 192 -6.45 -2.28 5.16
N ASN A 193 -7.68 -2.48 4.69
CA ASN A 193 -8.36 -3.76 4.84
C ASN A 193 -9.45 -3.89 3.78
N THR A 194 -10.00 -5.10 3.64
CA THR A 194 -11.01 -5.38 2.64
C THR A 194 -12.43 -5.33 3.18
N VAL A 195 -12.62 -4.93 4.45
CA VAL A 195 -13.97 -4.83 5.03
C VAL A 195 -14.93 -4.04 4.18
N PRO A 196 -14.58 -2.87 3.61
CA PRO A 196 -15.56 -2.11 2.82
C PRO A 196 -15.71 -2.56 1.37
N THR A 197 -14.82 -3.40 0.85
CA THR A 197 -14.80 -3.77 -0.56
C THR A 197 -15.20 -5.22 -0.82
N PHE A 198 -15.30 -6.05 0.21
CA PHE A 198 -15.65 -7.43 -0.01
C PHE A 198 -17.12 -7.56 -0.36
N ARG A 199 -17.40 -8.26 -1.47
CA ARG A 199 -18.77 -8.54 -1.82
C ARG A 199 -18.80 -9.82 -2.63
N GLY A 200 -20.02 -10.30 -2.87
CA GLY A 200 -20.23 -11.43 -3.71
C GLY A 200 -20.09 -11.07 -5.16
N PRO A 201 -20.03 -12.10 -6.00
CA PRO A 201 -19.73 -11.91 -7.41
C PRO A 201 -20.96 -11.56 -8.23
N SER A 202 -20.72 -10.94 -9.38
CA SER A 202 -21.80 -10.57 -10.28
C SER A 202 -21.31 -10.63 -11.72
N ASP A 203 -22.11 -11.23 -12.61
CA ASP A 203 -21.71 -11.39 -14.00
C ASP A 203 -22.05 -10.19 -14.88
N THR A 204 -22.68 -9.17 -14.31
CA THR A 204 -22.68 -7.84 -14.92
C THR A 204 -21.51 -7.00 -14.43
N HIS A 205 -20.64 -7.56 -13.58
CA HIS A 205 -19.62 -6.78 -12.87
C HIS A 205 -18.41 -7.67 -12.62
N ILE A 206 -17.82 -8.14 -13.73
CA ILE A 206 -16.66 -9.04 -13.66
C ILE A 206 -15.48 -8.36 -12.99
N ASP A 207 -15.27 -7.08 -13.28
CA ASP A 207 -14.08 -6.41 -12.75
C ASP A 207 -14.09 -6.30 -11.22
N SER A 208 -15.23 -6.54 -10.57
CA SER A 208 -15.22 -6.66 -9.10
C SER A 208 -14.62 -7.99 -8.65
N LEU A 209 -14.69 -9.03 -9.49
CA LEU A 209 -13.96 -10.26 -9.22
C LEU A 209 -12.46 -10.01 -9.18
N VAL A 210 -11.97 -9.15 -10.08
CA VAL A 210 -10.57 -8.73 -10.02
C VAL A 210 -10.24 -8.20 -8.65
N GLY A 211 -11.08 -7.31 -8.13
CA GLY A 211 -10.91 -6.82 -6.78
C GLY A 211 -10.84 -7.93 -5.74
N GLN A 212 -11.74 -8.92 -5.85
CA GLN A 212 -11.78 -9.97 -4.83
C GLN A 212 -10.56 -10.87 -4.86
N ALA A 213 -9.90 -10.98 -6.01
CA ALA A 213 -8.71 -11.81 -6.09
C ALA A 213 -7.46 -11.14 -5.50
N LEU A 214 -7.43 -9.82 -5.33
CA LEU A 214 -6.19 -9.09 -5.00
C LEU A 214 -6.17 -8.42 -3.62
N PHE A 215 -7.27 -7.82 -3.16
CA PHE A 215 -7.19 -6.88 -2.04
C PHE A 215 -6.93 -7.59 -0.72
N ALA A 216 -5.94 -7.09 0.02
CA ALA A 216 -5.63 -7.64 1.32
C ALA A 216 -5.65 -6.55 2.39
N ASP A 217 -5.48 -6.99 3.64
CA ASP A 217 -5.32 -6.11 4.78
C ASP A 217 -3.85 -5.99 5.14
N GLY A 218 -3.48 -4.84 5.66
CA GLY A 218 -2.11 -4.66 6.06
C GLY A 218 -1.91 -3.25 6.58
N ALA A 219 -1.10 -3.11 7.62
CA ALA A 219 -0.74 -1.80 8.12
C ALA A 219 0.77 -1.64 8.09
N ALA A 220 1.21 -0.43 7.76
CA ALA A 220 2.62 -0.09 7.69
C ALA A 220 2.82 1.23 8.44
N ALA A 221 3.95 1.38 9.12
CA ALA A 221 4.27 2.61 9.84
C ALA A 221 5.75 2.97 9.66
N LEU A 222 6.03 4.26 9.53
CA LEU A 222 7.38 4.77 9.37
C LEU A 222 7.59 5.91 10.34
N ILE A 223 8.87 6.17 10.64
CA ILE A 223 9.30 7.45 11.17
C ILE A 223 10.15 8.12 10.09
N VAL A 224 9.80 9.34 9.73
CA VAL A 224 10.55 10.12 8.74
C VAL A 224 11.03 11.39 9.41
N GLY A 225 12.32 11.69 9.25
CA GLY A 225 12.81 12.97 9.70
C GLY A 225 14.04 13.39 8.93
N ALA A 226 14.18 14.69 8.65
CA ALA A 226 15.41 15.25 8.12
C ALA A 226 16.41 15.45 9.24
N ASP A 227 17.68 15.65 8.86
CA ASP A 227 18.79 15.84 9.78
C ASP A 227 18.78 14.82 10.92
N PRO A 228 19.04 13.54 10.63
CA PRO A 228 19.01 12.55 11.71
C PRO A 228 20.21 12.73 12.63
N ASP A 229 20.02 12.33 13.88
CA ASP A 229 21.10 12.37 14.86
C ASP A 229 21.90 11.07 14.75
N ALA A 230 23.17 11.20 14.34
CA ALA A 230 23.96 10.02 13.98
C ALA A 230 24.08 9.02 15.13
N SER A 231 23.99 9.48 16.37
CA SER A 231 24.29 8.66 17.53
C SER A 231 23.10 7.87 18.06
N ILE A 232 21.90 8.04 17.52
CA ILE A 232 20.75 7.43 18.17
C ILE A 232 19.66 7.04 17.18
N GLU A 233 19.86 7.34 15.89
CA GLU A 233 18.95 6.86 14.85
C GLU A 233 19.74 6.52 13.59
N ARG A 234 19.23 5.51 12.86
CA ARG A 234 19.94 4.92 11.71
C ARG A 234 19.18 5.15 10.41
N PRO A 235 19.63 6.07 9.57
CA PRO A 235 18.97 6.28 8.26
C PRO A 235 18.84 4.98 7.46
N LEU A 236 17.74 4.88 6.72
CA LEU A 236 17.50 3.78 5.80
C LEU A 236 17.37 4.24 4.35
N TYR A 237 16.75 5.41 4.12
CA TYR A 237 16.51 5.91 2.78
C TYR A 237 16.43 7.42 2.86
N HIS A 238 16.73 8.08 1.75
CA HIS A 238 16.55 9.52 1.64
C HIS A 238 15.51 9.81 0.57
N ILE A 239 14.47 10.54 0.94
CA ILE A 239 13.46 10.94 -0.02
C ILE A 239 13.98 12.17 -0.76
N VAL A 240 14.41 11.99 -2.00
CA VAL A 240 15.08 13.05 -2.74
C VAL A 240 14.05 14.00 -3.36
N SER A 241 13.04 13.44 -4.01
CA SER A 241 12.04 14.20 -4.74
C SER A 241 10.76 13.37 -4.75
N ALA A 242 9.65 14.03 -5.07
CA ALA A 242 8.38 13.33 -5.18
C ALA A 242 7.49 14.10 -6.14
N SER A 243 6.93 13.40 -7.12
CA SER A 243 6.13 14.02 -8.18
C SER A 243 4.77 13.34 -8.26
N GLN A 244 3.83 13.99 -8.95
CA GLN A 244 2.50 13.40 -9.11
C GLN A 244 1.95 13.84 -10.45
N THR A 245 1.43 12.89 -11.24
CA THR A 245 0.89 13.20 -12.55
C THR A 245 -0.31 12.32 -12.88
N LEU A 246 -1.20 12.87 -13.71
CA LEU A 246 -2.35 12.20 -14.30
C LEU A 246 -2.04 11.70 -15.71
N LEU A 247 -2.53 10.50 -16.05
CA LEU A 247 -2.21 9.91 -17.34
C LEU A 247 -3.20 10.39 -18.40
N PRO A 248 -2.70 10.78 -19.59
CA PRO A 248 -3.61 11.28 -20.64
C PRO A 248 -4.63 10.22 -21.00
N ASP A 249 -5.87 10.67 -21.18
CA ASP A 249 -6.97 9.83 -21.69
C ASP A 249 -7.31 8.68 -20.75
N SER A 250 -6.98 8.81 -19.47
CA SER A 250 -7.15 7.73 -18.51
C SER A 250 -8.39 7.90 -17.63
N ASP A 251 -9.19 8.95 -17.84
CA ASP A 251 -10.41 9.17 -17.06
C ASP A 251 -11.29 7.92 -17.03
N GLY A 252 -11.81 7.61 -15.84
CA GLY A 252 -12.73 6.49 -15.69
C GLY A 252 -12.09 5.13 -15.50
N ALA A 253 -10.77 5.01 -15.71
CA ALA A 253 -10.14 3.70 -15.72
C ALA A 253 -10.24 3.00 -14.36
N ILE A 254 -9.93 3.71 -13.28
CA ILE A 254 -10.20 3.23 -11.93
C ILE A 254 -11.17 4.20 -11.28
N GLU A 255 -12.26 3.68 -10.73
CA GLU A 255 -13.23 4.46 -9.96
C GLU A 255 -13.71 3.64 -8.77
N GLY A 256 -13.87 4.31 -7.62
CA GLY A 256 -14.41 3.71 -6.42
C GLY A 256 -15.37 4.65 -5.72
N HIS A 257 -16.59 4.17 -5.44
CA HIS A 257 -17.62 5.00 -4.81
C HIS A 257 -17.99 4.44 -3.45
N ILE A 258 -18.14 5.31 -2.46
CA ILE A 258 -18.61 4.89 -1.15
C ILE A 258 -20.11 5.07 -1.12
N ARG A 259 -20.81 3.96 -0.99
CA ARG A 259 -22.22 3.82 -1.32
C ARG A 259 -22.91 3.05 -0.19
N GLU A 260 -24.23 2.91 -0.30
CA GLU A 260 -24.96 2.20 0.74
C GLU A 260 -24.53 0.75 0.83
N ALA A 261 -23.90 0.23 -0.24
CA ALA A 261 -23.38 -1.12 -0.28
C ALA A 261 -21.90 -1.21 0.09
N GLY A 262 -21.30 -0.12 0.54
CA GLY A 262 -19.86 -0.10 0.80
C GLY A 262 -19.06 0.53 -0.33
N LEU A 263 -17.79 0.15 -0.40
CA LEU A 263 -16.89 0.76 -1.39
C LEU A 263 -16.95 -0.09 -2.66
N THR A 264 -17.70 0.39 -3.65
CA THR A 264 -17.78 -0.27 -4.94
C THR A 264 -16.58 0.14 -5.78
N VAL A 265 -15.97 -0.83 -6.46
CA VAL A 265 -14.73 -0.60 -7.21
C VAL A 265 -14.94 -1.08 -8.65
N HIS A 266 -14.79 -0.16 -9.59
CA HIS A 266 -15.07 -0.42 -11.00
C HIS A 266 -13.80 -0.17 -11.80
N LEU A 267 -13.32 -1.21 -12.49
CA LEU A 267 -12.04 -1.21 -13.17
C LEU A 267 -12.20 -1.31 -14.68
N LYS A 268 -11.13 -0.96 -15.39
CA LYS A 268 -11.06 -1.15 -16.83
C LYS A 268 -9.93 -2.12 -17.17
N LYS A 269 -10.11 -2.83 -18.28
CA LYS A 269 -9.20 -3.91 -18.65
C LYS A 269 -7.80 -3.39 -18.97
N ASP A 270 -7.72 -2.21 -19.59
CA ASP A 270 -6.44 -1.71 -20.08
C ASP A 270 -5.78 -0.72 -19.11
N VAL A 271 -6.10 -0.80 -17.83
CA VAL A 271 -5.37 -0.01 -16.85
C VAL A 271 -3.92 -0.50 -16.80
N PRO A 272 -3.62 -1.81 -16.91
CA PRO A 272 -2.19 -2.16 -17.05
C PRO A 272 -1.55 -1.54 -18.27
N ALA A 273 -2.33 -1.25 -19.32
CA ALA A 273 -1.72 -0.62 -20.48
C ALA A 273 -1.43 0.85 -20.26
N PHE A 274 -2.28 1.55 -19.47
CA PHE A 274 -2.05 2.98 -19.24
C PHE A 274 -0.77 3.21 -18.45
N PHE A 275 -0.50 2.36 -17.47
CA PHE A 275 0.64 2.59 -16.59
C PHE A 275 1.96 2.30 -17.31
N SER A 276 2.04 1.15 -18.00
CA SER A 276 3.24 0.78 -18.75
C SER A 276 3.54 1.82 -19.84
N ALA A 277 2.52 2.20 -20.61
CA ALA A 277 2.76 3.12 -21.71
C ALA A 277 3.39 4.41 -21.20
N ASN A 278 2.90 4.92 -20.06
CA ASN A 278 3.25 6.26 -19.60
C ASN A 278 4.38 6.30 -18.59
N ILE A 279 4.80 5.14 -18.05
CA ILE A 279 5.64 5.17 -16.86
C ILE A 279 6.99 5.81 -17.15
N GLU A 280 7.46 5.75 -18.40
CA GLU A 280 8.78 6.28 -18.70
C GLU A 280 8.79 7.79 -18.65
N LYS A 281 7.70 8.42 -19.10
CA LYS A 281 7.50 9.86 -18.89
C LYS A 281 7.91 10.28 -17.48
N SER A 282 7.44 9.55 -16.46
CA SER A 282 7.72 9.93 -15.08
C SER A 282 9.18 9.66 -14.72
N LEU A 283 9.72 8.55 -15.21
CA LEU A 283 11.12 8.21 -15.00
C LEU A 283 12.03 9.25 -15.62
N VAL A 284 11.67 9.73 -16.81
CA VAL A 284 12.46 10.76 -17.47
C VAL A 284 12.36 12.05 -16.70
N ASP A 285 11.14 12.44 -16.33
CA ASP A 285 10.95 13.67 -15.57
C ASP A 285 11.76 13.65 -14.28
N ALA A 286 11.81 12.49 -13.59
CA ALA A 286 12.47 12.47 -12.28
C ALA A 286 13.98 12.34 -12.38
N PHE A 287 14.47 11.43 -13.23
CA PHE A 287 15.85 11.00 -13.18
C PHE A 287 16.76 11.71 -14.18
N THR A 288 16.21 12.22 -15.29
CA THR A 288 17.04 12.93 -16.27
C THR A 288 17.76 14.15 -15.71
N PRO A 289 17.13 15.04 -14.90
CA PRO A 289 17.91 16.15 -14.32
C PRO A 289 19.04 15.69 -13.43
N ILE A 290 18.88 14.52 -12.80
CA ILE A 290 19.97 13.89 -12.04
C ILE A 290 21.02 13.32 -12.98
N GLY A 291 20.67 13.13 -14.26
CA GLY A 291 21.60 12.57 -15.22
C GLY A 291 21.55 11.07 -15.29
N ILE A 292 20.50 10.44 -14.77
CA ILE A 292 20.33 9.00 -14.76
C ILE A 292 19.33 8.63 -15.85
N SER A 293 19.73 7.72 -16.74
CA SER A 293 18.91 7.30 -17.87
C SER A 293 18.73 5.79 -18.00
N ASP A 294 19.48 4.97 -17.25
CA ASP A 294 19.39 3.51 -17.31
C ASP A 294 18.52 2.97 -16.17
N TRP A 295 17.26 2.63 -16.50
CA TRP A 295 16.29 2.20 -15.50
C TRP A 295 16.68 0.91 -14.78
N ASN A 296 17.69 0.20 -15.27
CA ASN A 296 18.20 -0.97 -14.57
C ASN A 296 19.30 -0.62 -13.58
N SER A 297 19.87 0.57 -13.68
CA SER A 297 20.91 1.03 -12.78
C SER A 297 20.37 1.57 -11.45
N ILE A 298 19.06 1.58 -11.25
CA ILE A 298 18.43 2.08 -10.02
C ILE A 298 17.72 0.92 -9.32
N PHE A 299 17.40 1.10 -8.04
CA PHE A 299 16.58 0.08 -7.40
C PHE A 299 15.10 0.45 -7.53
N TRP A 300 14.24 -0.54 -7.30
CA TRP A 300 12.84 -0.47 -7.75
C TRP A 300 11.90 -0.92 -6.65
N ILE A 301 11.01 -0.01 -6.25
CA ILE A 301 9.77 -0.32 -5.54
C ILE A 301 8.63 0.11 -6.43
N ALA A 302 7.70 -0.80 -6.71
CA ALA A 302 6.52 -0.46 -7.50
C ALA A 302 5.28 -1.11 -6.92
N HIS A 303 4.26 -0.29 -6.65
CA HIS A 303 3.02 -0.83 -6.14
C HIS A 303 2.57 -2.03 -6.99
N PRO A 304 2.51 -3.23 -6.43
CA PRO A 304 1.94 -4.38 -7.15
C PRO A 304 0.42 -4.31 -7.15
N GLY A 305 -0.12 -3.41 -7.97
CA GLY A 305 -1.57 -3.29 -8.04
C GLY A 305 -2.20 -4.54 -8.63
N GLY A 306 -1.74 -4.92 -9.80
CA GLY A 306 -1.96 -6.23 -10.33
C GLY A 306 -0.66 -6.69 -10.95
N PRO A 307 -0.48 -8.00 -11.08
CA PRO A 307 0.69 -8.48 -11.84
C PRO A 307 0.75 -7.88 -13.23
N ALA A 308 -0.39 -7.64 -13.89
CA ALA A 308 -0.35 -7.13 -15.24
C ALA A 308 0.29 -5.75 -15.31
N ILE A 309 0.14 -4.94 -14.26
CA ILE A 309 0.85 -3.67 -14.19
C ILE A 309 2.36 -3.91 -14.19
N LEU A 310 2.83 -4.72 -13.24
CA LEU A 310 4.26 -4.89 -13.04
C LEU A 310 4.90 -5.63 -14.22
N ASP A 311 4.20 -6.65 -14.72
CA ASP A 311 4.66 -7.38 -15.90
C ASP A 311 4.94 -6.43 -17.04
N GLN A 312 3.97 -5.54 -17.31
CA GLN A 312 4.04 -4.74 -18.53
C GLN A 312 5.07 -3.63 -18.40
N VAL A 313 5.23 -3.07 -17.20
CA VAL A 313 6.30 -2.10 -16.99
C VAL A 313 7.65 -2.78 -17.14
N GLU A 314 7.78 -4.02 -16.64
CA GLU A 314 9.00 -4.78 -16.85
C GLU A 314 9.32 -4.91 -18.34
N GLU A 315 8.31 -5.26 -19.14
CA GLU A 315 8.42 -5.37 -20.60
C GLU A 315 8.73 -4.04 -21.27
N LYS A 316 7.81 -3.07 -21.22
CA LYS A 316 7.95 -1.79 -21.93
C LYS A 316 9.33 -1.14 -21.72
N LEU A 317 9.93 -1.34 -20.54
CA LEU A 317 11.17 -0.68 -20.15
C LEU A 317 12.40 -1.58 -20.25
N GLY A 318 12.23 -2.89 -20.27
CA GLY A 318 13.35 -3.80 -20.39
C GLY A 318 14.04 -4.13 -19.09
N LEU A 319 13.34 -4.04 -17.97
CA LEU A 319 13.97 -4.33 -16.68
C LEU A 319 14.45 -5.77 -16.64
N ARG A 320 15.63 -5.99 -16.06
CA ARG A 320 16.09 -7.35 -15.80
C ARG A 320 15.04 -8.09 -14.99
N LYS A 321 15.05 -9.41 -15.07
CA LYS A 321 14.04 -10.24 -14.43
C LYS A 321 13.91 -10.00 -12.93
N ASP A 322 14.86 -9.31 -12.27
CA ASP A 322 14.75 -9.19 -10.81
C ASP A 322 14.87 -7.74 -10.30
N LYS A 323 14.57 -6.74 -11.11
CA LYS A 323 14.46 -5.40 -10.53
C LYS A 323 13.29 -5.34 -9.57
N LEU A 324 12.23 -6.10 -9.87
CA LEU A 324 10.98 -6.08 -9.16
C LEU A 324 10.83 -7.24 -8.17
N LYS A 325 11.94 -7.82 -7.70
CA LYS A 325 11.84 -8.99 -6.83
C LYS A 325 11.11 -8.65 -5.53
N ALA A 326 11.64 -7.68 -4.78
CA ALA A 326 11.00 -7.26 -3.52
C ALA A 326 9.54 -6.90 -3.74
N SER A 327 9.23 -6.18 -4.82
CA SER A 327 7.85 -5.77 -5.07
C SER A 327 6.94 -7.00 -5.28
N ARG A 328 7.32 -7.90 -6.19
CA ARG A 328 6.55 -9.12 -6.43
C ARG A 328 6.54 -10.04 -5.22
N HIS A 329 7.63 -10.05 -4.44
CA HIS A 329 7.67 -10.87 -3.24
C HIS A 329 6.58 -10.45 -2.25
N VAL A 330 6.49 -9.16 -1.95
CA VAL A 330 5.46 -8.68 -1.03
C VAL A 330 4.07 -8.91 -1.63
N MET A 331 3.98 -8.84 -2.97
CA MET A 331 2.72 -9.12 -3.65
C MET A 331 2.24 -10.53 -3.36
N SER A 332 3.11 -11.53 -3.52
CA SER A 332 2.70 -12.91 -3.32
C SER A 332 2.44 -13.22 -1.85
N GLU A 333 3.23 -12.67 -0.95
CA GLU A 333 3.10 -12.98 0.47
C GLU A 333 1.96 -12.23 1.14
N PHE A 334 1.46 -11.13 0.56
CA PHE A 334 0.47 -10.32 1.27
C PHE A 334 -0.73 -9.89 0.44
N GLY A 335 -0.61 -9.79 -0.88
CA GLY A 335 -1.72 -9.32 -1.70
C GLY A 335 -1.64 -7.84 -1.95
N ASN A 336 -2.75 -7.29 -2.46
CA ASN A 336 -2.85 -5.86 -2.71
C ASN A 336 -3.41 -5.19 -1.45
N MET A 337 -2.51 -4.65 -0.63
CA MET A 337 -2.90 -3.92 0.58
C MET A 337 -2.93 -2.41 0.37
N SER A 338 -3.20 -1.96 -0.87
CA SER A 338 -3.45 -0.56 -1.19
C SER A 338 -2.25 0.28 -0.78
N SER A 339 -2.40 1.27 0.10
CA SER A 339 -1.34 2.24 0.33
C SER A 339 -0.16 1.62 1.06
N ALA A 340 -0.37 0.49 1.75
CA ALA A 340 0.70 -0.10 2.55
C ALA A 340 1.78 -0.81 1.73
N CYS A 341 1.44 -1.33 0.52
CA CYS A 341 2.33 -2.28 -0.18
C CYS A 341 3.71 -1.70 -0.39
N VAL A 342 3.77 -0.52 -1.02
CA VAL A 342 5.04 0.15 -1.27
C VAL A 342 5.84 0.29 0.02
N LEU A 343 5.16 0.50 1.17
CA LEU A 343 5.87 0.59 2.44
C LEU A 343 6.40 -0.78 2.91
N PHE A 344 5.57 -1.83 2.85
CA PHE A 344 6.03 -3.19 3.15
C PHE A 344 7.25 -3.56 2.31
N ILE A 345 7.26 -3.18 1.03
CA ILE A 345 8.31 -3.57 0.11
C ILE A 345 9.63 -2.98 0.55
N LEU A 346 9.58 -1.77 1.13
CA LEU A 346 10.80 -1.13 1.60
C LEU A 346 11.31 -1.77 2.86
N ASP A 347 10.43 -2.35 3.69
CA ASP A 347 10.90 -3.12 4.82
C ASP A 347 11.61 -4.38 4.34
N GLU A 348 10.95 -5.12 3.45
CA GLU A 348 11.51 -6.34 2.88
C GLU A 348 12.89 -6.12 2.30
N MET A 349 13.03 -5.11 1.43
CA MET A 349 14.29 -4.92 0.72
C MET A 349 15.37 -4.33 1.62
N ARG A 350 15.02 -3.35 2.45
CA ARG A 350 15.91 -2.88 3.50
C ARG A 350 16.44 -4.06 4.31
N LYS A 351 15.52 -4.91 4.80
CA LYS A 351 15.88 -6.05 5.65
C LYS A 351 16.75 -7.04 4.88
N THR A 352 16.23 -7.51 3.74
CA THR A 352 16.89 -8.57 2.99
C THR A 352 18.30 -8.19 2.61
N CYS A 353 18.52 -6.93 2.17
CA CYS A 353 19.87 -6.49 1.83
C CYS A 353 20.84 -6.72 2.99
N LEU A 354 20.51 -6.19 4.17
CA LEU A 354 21.31 -6.40 5.38
C LEU A 354 21.66 -7.87 5.57
N GLU A 355 20.65 -8.75 5.57
CA GLU A 355 20.87 -10.17 5.81
C GLU A 355 21.75 -10.80 4.73
N GLU A 356 21.52 -10.44 3.46
CA GLU A 356 22.40 -10.87 2.39
C GLU A 356 23.62 -9.97 2.22
N GLY A 357 23.82 -9.03 3.14
CA GLY A 357 24.98 -8.15 3.12
C GLY A 357 25.30 -7.46 1.80
N LYS A 358 24.37 -6.67 1.27
CA LYS A 358 24.70 -5.90 0.08
C LYS A 358 25.23 -4.54 0.47
N ALA A 359 25.90 -3.89 -0.49
CA ALA A 359 26.58 -2.63 -0.22
C ALA A 359 25.63 -1.60 0.40
N THR A 360 24.41 -1.48 -0.12
CA THR A 360 23.47 -0.46 0.31
C THR A 360 22.08 -1.08 0.47
N THR A 361 21.24 -0.42 1.30
CA THR A 361 19.82 -0.80 1.42
C THR A 361 19.09 -0.79 0.09
N GLY A 362 19.63 -0.12 -0.93
CA GLY A 362 19.06 -0.12 -2.27
C GLY A 362 19.49 -1.26 -3.19
N GLU A 363 19.42 -2.51 -2.71
CA GLU A 363 19.90 -3.68 -3.47
C GLU A 363 21.32 -3.45 -3.98
N GLY A 364 22.16 -2.80 -3.18
CA GLY A 364 23.51 -2.42 -3.58
C GLY A 364 23.61 -1.18 -4.43
N LEU A 365 22.50 -0.72 -5.02
CA LEU A 365 22.51 0.47 -5.87
C LEU A 365 22.37 1.75 -5.05
N ASP A 366 22.59 2.88 -5.73
CA ASP A 366 22.63 4.19 -5.10
C ASP A 366 21.29 4.92 -5.19
N TRP A 367 20.76 5.06 -6.39
CA TRP A 367 19.51 5.74 -6.63
C TRP A 367 18.37 4.76 -6.83
N GLY A 368 17.18 5.16 -6.36
CA GLY A 368 16.03 4.30 -6.40
C GLY A 368 14.80 5.05 -6.85
N VAL A 369 13.80 4.29 -7.24
CA VAL A 369 12.52 4.86 -7.63
C VAL A 369 11.45 4.13 -6.83
N LEU A 370 10.37 4.84 -6.52
CA LEU A 370 9.25 4.26 -5.80
C LEU A 370 7.98 4.75 -6.45
N PHE A 371 7.10 3.83 -6.84
CA PHE A 371 5.93 4.19 -7.63
C PHE A 371 4.66 3.84 -6.88
N GLY A 372 3.70 4.76 -6.94
CA GLY A 372 2.33 4.47 -6.57
C GLY A 372 1.40 4.65 -7.74
N PHE A 373 0.41 3.78 -7.84
CA PHE A 373 -0.53 3.76 -8.96
C PHE A 373 -1.93 3.71 -8.39
N GLY A 374 -2.84 4.52 -8.91
CA GLY A 374 -4.22 4.44 -8.54
C GLY A 374 -5.07 5.45 -9.27
N PRO A 375 -6.23 5.78 -8.67
CA PRO A 375 -7.27 6.53 -9.39
C PRO A 375 -6.78 7.83 -10.01
N GLY A 376 -7.48 8.25 -11.07
CA GLY A 376 -7.06 9.39 -11.87
C GLY A 376 -7.15 9.13 -13.37
N LEU A 377 -6.25 8.33 -13.93
CA LEU A 377 -5.20 7.55 -13.29
C LEU A 377 -4.02 8.40 -12.88
N THR A 378 -3.40 8.02 -11.77
CA THR A 378 -2.40 8.83 -11.08
C THR A 378 -1.13 8.00 -10.93
N VAL A 379 0.02 8.61 -11.20
CA VAL A 379 1.31 7.99 -10.92
C VAL A 379 2.06 8.92 -9.97
N GLU A 380 2.45 8.39 -8.81
CA GLU A 380 3.27 9.09 -7.84
C GLU A 380 4.70 8.58 -8.00
N THR A 381 5.65 9.49 -8.19
CA THR A 381 7.03 9.12 -8.49
C THR A 381 7.94 9.73 -7.43
N VAL A 382 8.59 8.86 -6.65
CA VAL A 382 9.44 9.26 -5.54
C VAL A 382 10.85 8.77 -5.82
N VAL A 383 11.78 9.71 -5.98
CA VAL A 383 13.19 9.34 -6.10
C VAL A 383 13.79 9.16 -4.70
N LEU A 384 14.35 7.97 -4.46
CA LEU A 384 15.00 7.66 -3.19
C LEU A 384 16.51 7.62 -3.35
N ARG A 385 17.17 7.65 -2.22
CA ARG A 385 18.58 7.29 -2.15
C ARG A 385 18.74 6.21 -1.08
N SER A 386 19.53 5.20 -1.41
CA SER A 386 19.85 4.17 -0.43
C SER A 386 20.88 4.73 0.55
N VAL A 387 21.10 3.98 1.64
CA VAL A 387 22.24 4.25 2.52
C VAL A 387 23.10 2.98 2.58
N PRO A 388 24.43 3.11 2.73
CA PRO A 388 25.31 1.94 2.82
C PRO A 388 24.98 1.02 4.00
N ILE A 389 25.52 -0.22 3.94
CA ILE A 389 25.32 -1.22 4.99
C ILE A 389 26.66 -1.63 5.59
N GLU A 390 26.63 -1.91 6.89
CA GLU A 390 27.77 -2.40 7.70
C GLU A 390 28.97 -1.44 7.71
C1 FWC B . -11.18 -7.95 -16.38
C2 FWC B . -10.30 -7.09 -15.86
C3 FWC B . -10.67 -5.77 -15.64
C4 FWC B . -9.32 -9.00 -16.03
N1 FWC B . -11.88 -5.37 -15.95
N2 FWC B . -12.43 -7.54 -16.71
C5 FWC B . -10.87 -10.47 -16.95
C6 FWC B . -12.79 -6.24 -16.48
C7 FWC B . -10.34 -10.64 -18.16
C8 FWC B . -9.96 -12.21 -18.26
C9 FWC B . -9.47 -12.53 -17.03
C10 FWC B . -7.95 -12.33 -17.01
C11 FWC B . -5.12 -1.92 -10.10
C12 FWC B . -6.46 -1.76 -9.37
C13 FWC B . -5.54 -3.84 -11.75
C14 FWC B . -4.69 -5.34 -13.56
C15 FWC B . -5.30 -5.27 -12.16
C16 FWC B . -3.98 -7.83 -13.59
C17 FWC B . -5.64 -11.25 -14.39
C18 FWC B . -4.49 -10.87 -12.12
C19 FWC B . -5.13 -10.15 -13.39
C20 FWC B . -6.33 -9.32 -12.91
C21 FWC B . -4.09 -9.26 -14.12
C22 FWC B . -6.61 -1.66 -6.37
C23 FWC B . -7.28 -1.22 -5.03
C24 FWC B . -7.28 -1.48 -2.61
C25 FWC B . -6.76 -1.80 -3.86
C26 FWC B . -8.84 0.03 -3.65
C27 FWC B . -8.32 -0.57 -2.51
C28 FWC B . -8.33 -0.30 -4.90
C29 FWC B . -9.97 1.26 -6.08
N3 FWC B . -10.13 -4.50 -15.12
N4 FWC B . -9.15 -7.74 -15.64
N5 FWC B . -10.58 -9.13 -16.49
N6 FWC B . -4.92 -3.29 -10.55
N7 FWC B . -4.86 -6.72 -14.10
N8 FWC B . -8.83 0.28 -6.18
O1 FWC B . -11.30 -10.34 -19.19
O2 FWC B . -11.14 -12.97 -18.58
O3 FWC B . -10.15 -11.56 -16.04
O4 FWC B . -7.41 -12.52 -18.29
O5 FWC B . -6.25 -3.18 -12.41
O6 FWC B . -3.12 -7.59 -12.82
O7 FWC B . -4.39 -9.16 -15.49
O8 FWC B . -4.58 -12.15 -14.77
O9 FWC B . -5.04 -11.42 -17.39
O10 FWC B . -4.83 -13.95 -16.64
O11 FWC B . -2.80 -12.57 -16.66
O12 FWC B . -6.40 -10.38 -19.35
O13 FWC B . -5.22 -12.51 -19.78
O14 FWC B . -12.21 -12.54 -20.95
O15 FWC B . -12.13 -14.86 -20.08
O16 FWC B . -10.08 -13.79 -20.89
O17 FWC B . -6.14 -2.75 -6.44
P1 FWC B . -4.29 -12.56 -16.37
P2 FWC B . -6.00 -11.72 -18.73
P3 FWC B . -11.39 -13.55 -20.17
S1 FWC B . -6.41 -0.63 -7.91
CD CD C . -17.76 -2.88 -12.22
#